data_3B2Y
#
_entry.id   3B2Y
#
_cell.length_a   43.715
_cell.length_b   127.577
_cell.length_c   49.303
_cell.angle_alpha   90.000
_cell.angle_beta   116.280
_cell.angle_gamma   90.000
#
_symmetry.space_group_name_H-M   'P 1 21 1'
#
loop_
_entity.id
_entity.type
_entity.pdbx_description
1 polymer 'Metallopeptidase containing co-catalytic metalloactive site'
2 non-polymer 'NICKEL (II) ION'
3 water water
#
_entity_poly.entity_id   1
_entity_poly.type   'polypeptide(L)'
_entity_poly.pdbx_seq_one_letter_code
;G(MSE)TSRSPFESFVWQSEIFNCQSNDIDAFYAQLAEEVNRLGLKKNTLGSVDSFAINLYQSASQRSDLPSLLISSGFH
GEEAAGPWG(MSE)LHFLRGLQPALFERVNLSLLPLVNPTGFKAGHRFNRFGENPNRGFTLENGKPTPNEHTSLEGKLLL
EHAQLLCAASRDGILTCHEDVL(MSE)NETYVYSFEPTQTPGRFSLGLRDALGQYFKLAKDGFIDECPVTDGVIFNHFDT
SFEAFLVRSGAKLAACSETPGQEDFDRRVQANSAA(MSE)GQFIAHCAPIL
;
_entity_poly.pdbx_strand_id   A,B
#
loop_
_chem_comp.id
_chem_comp.type
_chem_comp.name
_chem_comp.formula
NI non-polymer 'NICKEL (II) ION' 'Ni 2'
#
# COMPACT_ATOMS: atom_id res chain seq x y z
N MSE A 2 1.71 2.45 10.71
CA MSE A 2 0.89 1.43 11.45
C MSE A 2 -0.43 2.00 12.01
O MSE A 2 -0.47 3.08 12.59
CB MSE A 2 1.71 0.81 12.58
CG MSE A 2 0.89 0.02 13.60
SE MSE A 2 1.90 -1.45 14.44
CE MSE A 2 1.89 -2.66 12.91
N THR A 3 -1.49 1.19 11.87
CA THR A 3 -2.86 1.54 12.23
C THR A 3 -3.44 0.48 13.19
N SER A 4 -4.30 0.90 14.11
CA SER A 4 -4.95 -0.05 15.04
C SER A 4 -6.26 -0.62 14.47
N ARG A 5 -6.75 -0.07 13.36
CA ARG A 5 -8.01 -0.54 12.78
C ARG A 5 -7.81 -1.86 12.02
N SER A 6 -8.50 -2.93 12.48
CA SER A 6 -8.34 -4.27 11.93
C SER A 6 -9.10 -4.43 10.64
N PRO A 7 -8.46 -5.03 9.62
CA PRO A 7 -9.15 -5.47 8.42
C PRO A 7 -10.05 -6.69 8.64
N PHE A 8 -9.96 -7.34 9.81
CA PHE A 8 -10.74 -8.54 10.08
C PHE A 8 -12.09 -8.14 10.76
N GLU A 9 -12.30 -6.86 10.99
CA GLU A 9 -13.53 -6.42 11.64
C GLU A 9 -14.77 -6.60 10.77
N SER A 10 -15.87 -7.05 11.40
CA SER A 10 -17.17 -7.18 10.72
C SER A 10 -18.08 -5.98 10.94
N PHE A 11 -18.80 -5.60 9.87
CA PHE A 11 -19.71 -4.46 9.84
C PHE A 11 -21.00 -4.91 9.18
N VAL A 12 -22.13 -4.54 9.79
CA VAL A 12 -23.47 -4.89 9.28
C VAL A 12 -24.46 -3.70 9.45
N TRP A 13 -25.45 -3.60 8.55
CA TRP A 13 -26.47 -2.53 8.56
C TRP A 13 -27.85 -3.16 8.28
N GLN A 14 -28.92 -2.45 8.67
N GLN A 14 -28.93 -2.48 8.66
CA GLN A 14 -30.26 -2.80 8.22
CA GLN A 14 -30.27 -2.89 8.23
C GLN A 14 -30.57 -2.00 6.98
C GLN A 14 -30.70 -2.01 7.07
N SER A 15 -31.26 -2.64 6.04
CA SER A 15 -31.79 -1.95 4.86
C SER A 15 -33.29 -1.87 4.97
N GLU A 16 -33.84 -0.68 4.85
CA GLU A 16 -35.27 -0.53 4.67
C GLU A 16 -35.69 -0.80 3.22
N ILE A 17 -34.84 -0.48 2.23
CA ILE A 17 -35.13 -0.72 0.82
C ILE A 17 -35.38 -2.21 0.63
N PHE A 18 -34.50 -3.04 1.23
CA PHE A 18 -34.56 -4.48 0.99
C PHE A 18 -35.21 -5.26 2.14
N ASN A 19 -35.52 -4.56 3.21
CA ASN A 19 -36.10 -5.14 4.42
C ASN A 19 -35.31 -6.31 4.95
N CYS A 20 -33.98 -6.15 4.99
CA CYS A 20 -33.16 -7.18 5.54
C CYS A 20 -31.86 -6.60 6.01
N GLN A 21 -31.04 -7.44 6.63
CA GLN A 21 -29.71 -7.06 6.98
C GLN A 21 -28.78 -7.14 5.79
N SER A 22 -27.74 -6.33 5.85
CA SER A 22 -26.82 -6.20 4.78
C SER A 22 -26.03 -7.44 4.40
N ASN A 23 -25.86 -8.38 5.33
CA ASN A 23 -25.11 -9.61 5.09
C ASN A 23 -26.02 -10.80 4.82
N ASP A 24 -27.28 -10.51 4.48
CA ASP A 24 -28.27 -11.58 4.26
C ASP A 24 -28.06 -12.05 2.81
N ILE A 25 -27.10 -12.95 2.68
CA ILE A 25 -26.63 -13.36 1.34
C ILE A 25 -27.68 -14.21 0.60
N ASP A 26 -28.50 -14.97 1.34
CA ASP A 26 -29.54 -15.75 0.69
C ASP A 26 -30.63 -14.86 0.09
N ALA A 27 -31.01 -13.82 0.82
CA ALA A 27 -31.96 -12.82 0.34
C ALA A 27 -31.37 -12.14 -0.88
N PHE A 28 -30.10 -11.78 -0.79
CA PHE A 28 -29.42 -11.14 -1.94
C PHE A 28 -29.55 -11.99 -3.20
N TYR A 29 -29.15 -13.26 -3.09
CA TYR A 29 -29.15 -14.11 -4.27
C TYR A 29 -30.57 -14.28 -4.82
N ALA A 30 -31.54 -14.48 -3.93
CA ALA A 30 -32.98 -14.55 -4.29
C ALA A 30 -33.48 -13.31 -5.03
N GLN A 31 -33.19 -12.11 -4.52
CA GLN A 31 -33.66 -10.89 -5.18
C GLN A 31 -32.95 -10.72 -6.52
N LEU A 32 -31.64 -10.94 -6.54
CA LEU A 32 -30.83 -10.81 -7.76
C LEU A 32 -31.39 -11.70 -8.90
N ALA A 33 -31.71 -12.93 -8.56
CA ALA A 33 -32.19 -13.88 -9.53
C ALA A 33 -33.52 -13.45 -10.15
N GLU A 34 -34.38 -12.83 -9.34
CA GLU A 34 -35.65 -12.28 -9.83
C GLU A 34 -35.38 -11.20 -10.87
N GLU A 35 -34.40 -10.33 -10.59
CA GLU A 35 -34.10 -9.24 -11.54
C GLU A 35 -33.46 -9.75 -12.82
N VAL A 36 -32.49 -10.67 -12.71
CA VAL A 36 -31.82 -11.15 -13.93
C VAL A 36 -32.78 -11.98 -14.84
N ASN A 37 -33.71 -12.71 -14.25
CA ASN A 37 -34.74 -13.43 -14.98
C ASN A 37 -35.57 -12.41 -15.79
N ARG A 38 -35.93 -11.31 -15.13
CA ARG A 38 -36.84 -10.34 -15.71
C ARG A 38 -36.16 -9.58 -16.85
N LEU A 39 -34.88 -9.30 -16.69
CA LEU A 39 -34.11 -8.54 -17.63
C LEU A 39 -33.56 -9.38 -18.79
N GLY A 40 -33.71 -10.71 -18.70
CA GLY A 40 -33.26 -11.63 -19.74
C GLY A 40 -31.75 -11.77 -19.78
N LEU A 41 -31.13 -11.69 -18.62
CA LEU A 41 -29.68 -11.72 -18.56
C LEU A 41 -29.21 -13.20 -18.46
N LYS A 42 -28.04 -13.50 -19.01
CA LYS A 42 -27.55 -14.88 -19.03
C LYS A 42 -26.48 -14.98 -17.96
N LYS A 43 -26.61 -15.98 -17.09
CA LYS A 43 -25.66 -16.23 -16.01
C LYS A 43 -24.51 -17.08 -16.52
N ASN A 44 -23.29 -16.64 -16.24
CA ASN A 44 -22.06 -17.37 -16.40
C ASN A 44 -21.36 -17.52 -15.05
N THR A 45 -21.34 -18.74 -14.53
CA THR A 45 -20.72 -18.95 -13.21
C THR A 45 -19.18 -19.06 -13.41
N LEU A 46 -18.43 -18.11 -12.88
CA LEU A 46 -16.95 -18.04 -12.99
C LEU A 46 -16.28 -18.89 -11.92
N GLY A 47 -17.03 -19.29 -10.91
CA GLY A 47 -16.51 -20.12 -9.86
C GLY A 47 -17.46 -20.10 -8.69
N SER A 48 -17.10 -20.85 -7.66
CA SER A 48 -17.91 -20.95 -6.46
C SER A 48 -17.06 -21.28 -5.26
N VAL A 49 -17.42 -20.74 -4.09
CA VAL A 49 -16.74 -21.04 -2.87
C VAL A 49 -17.78 -21.12 -1.76
N ASP A 50 -17.66 -22.13 -0.90
CA ASP A 50 -18.57 -22.33 0.24
C ASP A 50 -20.01 -22.38 -0.25
N SER A 51 -20.20 -23.01 -1.41
CA SER A 51 -21.50 -23.21 -2.06
C SER A 51 -22.12 -21.97 -2.73
N PHE A 52 -21.42 -20.84 -2.70
CA PHE A 52 -21.88 -19.60 -3.32
C PHE A 52 -21.22 -19.33 -4.66
N ALA A 53 -22.02 -19.15 -5.68
CA ALA A 53 -21.53 -18.89 -7.02
C ALA A 53 -21.04 -17.49 -7.20
N ILE A 54 -19.99 -17.36 -7.99
CA ILE A 54 -19.48 -16.08 -8.43
C ILE A 54 -19.84 -15.96 -9.90
N ASN A 55 -20.90 -15.19 -10.16
CA ASN A 55 -21.55 -15.13 -11.45
C ASN A 55 -21.25 -13.83 -12.17
N LEU A 56 -21.05 -13.98 -13.48
CA LEU A 56 -21.07 -12.83 -14.40
C LEU A 56 -22.41 -12.89 -15.14
N TYR A 57 -23.14 -11.79 -15.19
CA TYR A 57 -24.33 -11.71 -15.99
C TYR A 57 -24.12 -10.83 -17.21
N GLN A 58 -24.55 -11.30 -18.35
CA GLN A 58 -24.38 -10.53 -19.60
C GLN A 58 -25.61 -10.66 -20.48
N SER A 59 -25.68 -9.81 -21.51
CA SER A 59 -26.73 -9.91 -22.53
C SER A 59 -26.59 -11.27 -23.19
N ALA A 60 -27.71 -11.76 -23.72
CA ALA A 60 -27.74 -13.09 -24.35
C ALA A 60 -26.79 -13.15 -25.56
N SER A 61 -26.54 -11.99 -26.18
CA SER A 61 -25.53 -11.83 -27.23
C SER A 61 -24.81 -10.48 -27.14
N GLN A 62 -23.49 -10.48 -27.28
CA GLN A 62 -22.73 -9.26 -27.38
C GLN A 62 -22.82 -8.77 -28.84
N ARG A 63 -23.19 -7.50 -29.02
CA ARG A 63 -23.26 -6.91 -30.33
C ARG A 63 -22.01 -6.07 -30.58
N SER A 64 -21.34 -6.29 -31.71
CA SER A 64 -20.04 -5.60 -32.00
C SER A 64 -20.15 -4.08 -32.12
N ASP A 65 -21.31 -3.62 -32.57
CA ASP A 65 -21.59 -2.20 -32.74
C ASP A 65 -21.95 -1.45 -31.46
N LEU A 66 -22.06 -2.15 -30.31
CA LEU A 66 -22.52 -1.54 -29.04
C LEU A 66 -21.33 -1.50 -28.08
N PRO A 67 -21.22 -0.44 -27.22
CA PRO A 67 -20.12 -0.48 -26.29
C PRO A 67 -20.29 -1.61 -25.27
N SER A 68 -19.16 -2.06 -24.74
CA SER A 68 -19.15 -3.12 -23.75
C SER A 68 -18.67 -2.53 -22.45
N LEU A 69 -19.51 -2.63 -21.44
CA LEU A 69 -19.27 -2.04 -20.14
C LEU A 69 -19.47 -3.15 -19.11
N LEU A 70 -18.65 -3.09 -18.09
CA LEU A 70 -18.68 -3.96 -16.95
C LEU A 70 -18.90 -3.14 -15.69
N ILE A 71 -19.78 -3.60 -14.80
CA ILE A 71 -19.90 -3.06 -13.45
C ILE A 71 -19.71 -4.24 -12.49
N SER A 72 -18.82 -4.03 -11.53
CA SER A 72 -18.51 -5.02 -10.54
C SER A 72 -18.63 -4.46 -9.14
N SER A 73 -18.80 -5.35 -8.18
N SER A 73 -18.93 -5.33 -8.20
CA SER A 73 -18.80 -4.94 -6.79
CA SER A 73 -19.05 -4.95 -6.79
C SER A 73 -18.56 -6.14 -5.93
C SER A 73 -18.75 -6.16 -5.94
N GLY A 74 -18.71 -5.93 -4.63
CA GLY A 74 -18.60 -7.01 -3.62
C GLY A 74 -17.25 -7.71 -3.59
N PHE A 75 -16.16 -6.98 -3.84
CA PHE A 75 -14.82 -7.53 -3.61
C PHE A 75 -14.52 -7.56 -2.08
N HIS A 76 -15.04 -6.55 -1.34
CA HIS A 76 -14.76 -6.40 0.08
C HIS A 76 -16.06 -6.54 0.83
N GLY A 77 -16.10 -7.49 1.74
CA GLY A 77 -17.37 -7.85 2.36
C GLY A 77 -17.98 -6.86 3.29
N GLU A 78 -17.18 -5.96 3.83
CA GLU A 78 -17.72 -4.87 4.67
C GLU A 78 -18.34 -3.76 3.79
N GLU A 79 -18.10 -3.82 2.47
CA GLU A 79 -18.56 -2.78 1.53
C GLU A 79 -19.89 -3.15 0.88
N ALA A 80 -20.89 -3.47 1.72
CA ALA A 80 -22.13 -4.13 1.31
C ALA A 80 -23.08 -3.27 0.46
N ALA A 81 -22.93 -1.95 0.53
CA ALA A 81 -23.73 -1.04 -0.30
C ALA A 81 -23.50 -1.20 -1.80
N GLY A 82 -22.35 -1.74 -2.17
CA GLY A 82 -22.10 -2.01 -3.58
C GLY A 82 -23.06 -3.05 -4.19
N PRO A 83 -22.99 -4.30 -3.71
CA PRO A 83 -23.82 -5.34 -4.29
C PRO A 83 -25.32 -5.00 -4.14
N TRP A 84 -25.73 -4.45 -2.99
CA TRP A 84 -27.14 -4.03 -2.85
C TRP A 84 -27.47 -2.81 -3.76
N GLY A 85 -26.49 -1.92 -3.95
CA GLY A 85 -26.57 -0.81 -4.91
C GLY A 85 -26.84 -1.31 -6.30
N MSE A 86 -26.16 -2.38 -6.70
CA MSE A 86 -26.41 -2.96 -8.02
C MSE A 86 -27.80 -3.55 -8.17
O MSE A 86 -28.42 -3.43 -9.20
CB MSE A 86 -25.37 -4.01 -8.36
CG MSE A 86 -25.29 -4.22 -9.88
SE MSE A 86 -23.88 -5.50 -10.30
CE MSE A 86 -22.43 -4.53 -9.33
N LEU A 87 -28.28 -4.22 -7.14
CA LEU A 87 -29.62 -4.75 -7.13
C LEU A 87 -30.68 -3.65 -7.26
N HIS A 88 -30.45 -2.50 -6.60
CA HIS A 88 -31.32 -1.34 -6.69
C HIS A 88 -31.33 -0.79 -8.12
N PHE A 89 -30.13 -0.76 -8.70
CA PHE A 89 -29.90 -0.30 -10.06
C PHE A 89 -30.65 -1.19 -11.04
N LEU A 90 -30.51 -2.49 -10.90
CA LEU A 90 -31.20 -3.52 -11.72
C LEU A 90 -32.72 -3.42 -11.62
N ARG A 91 -33.19 -3.17 -10.41
CA ARG A 91 -34.64 -2.98 -10.25
C ARG A 91 -35.18 -1.84 -11.11
N GLY A 92 -34.36 -0.82 -11.38
CA GLY A 92 -34.79 0.36 -12.14
C GLY A 92 -34.73 0.23 -13.66
N LEU A 93 -34.05 -0.80 -14.15
CA LEU A 93 -33.76 -0.99 -15.58
C LEU A 93 -34.88 -1.73 -16.30
N GLN A 94 -34.99 -1.52 -17.60
CA GLN A 94 -35.79 -2.35 -18.48
C GLN A 94 -34.88 -3.02 -19.51
N PRO A 95 -35.34 -4.11 -20.11
CA PRO A 95 -34.53 -4.72 -21.15
C PRO A 95 -34.08 -3.83 -22.31
N ALA A 96 -34.82 -2.77 -22.64
CA ALA A 96 -34.38 -1.82 -23.69
C ALA A 96 -32.96 -1.26 -23.52
N LEU A 97 -32.48 -1.16 -22.28
CA LEU A 97 -31.11 -0.68 -22.02
C LEU A 97 -30.15 -1.53 -22.86
N PHE A 98 -30.39 -2.84 -22.89
CA PHE A 98 -29.45 -3.73 -23.56
C PHE A 98 -29.40 -3.61 -25.06
N GLU A 99 -30.35 -2.88 -25.66
CA GLU A 99 -30.27 -2.57 -27.10
C GLU A 99 -29.21 -1.55 -27.45
N ARG A 100 -28.71 -0.80 -26.47
CA ARG A 100 -27.69 0.18 -26.77
C ARG A 100 -26.35 -0.08 -26.13
N VAL A 101 -26.27 -1.11 -25.30
CA VAL A 101 -25.02 -1.42 -24.59
C VAL A 101 -24.92 -2.90 -24.27
N ASN A 102 -23.71 -3.45 -24.40
CA ASN A 102 -23.45 -4.81 -23.88
C ASN A 102 -23.06 -4.62 -22.43
N LEU A 103 -24.02 -4.70 -21.52
CA LEU A 103 -23.70 -4.44 -20.10
C LEU A 103 -23.44 -5.78 -19.44
N SER A 104 -22.28 -5.88 -18.81
CA SER A 104 -21.93 -7.05 -18.01
C SER A 104 -21.90 -6.68 -16.54
N LEU A 105 -22.33 -7.61 -15.68
CA LEU A 105 -22.47 -7.36 -14.23
C LEU A 105 -21.81 -8.48 -13.41
N LEU A 106 -20.97 -8.12 -12.47
CA LEU A 106 -20.23 -9.02 -11.57
C LEU A 106 -20.58 -8.54 -10.13
N PRO A 107 -21.76 -8.92 -9.65
CA PRO A 107 -22.37 -8.29 -8.50
C PRO A 107 -21.65 -8.58 -7.18
N LEU A 108 -21.02 -9.75 -7.08
CA LEU A 108 -20.55 -10.21 -5.77
C LEU A 108 -19.37 -11.16 -5.92
N VAL A 109 -18.17 -10.62 -5.86
CA VAL A 109 -16.93 -11.38 -6.08
C VAL A 109 -16.47 -12.18 -4.83
N ASN A 110 -16.84 -11.69 -3.65
CA ASN A 110 -16.41 -12.22 -2.37
C ASN A 110 -17.62 -12.64 -1.47
N PRO A 111 -18.31 -13.69 -1.86
CA PRO A 111 -19.50 -14.04 -1.02
C PRO A 111 -19.20 -14.46 0.38
N THR A 112 -18.06 -15.11 0.64
CA THR A 112 -17.76 -15.50 2.03
C THR A 112 -17.52 -14.26 2.97
N GLY A 113 -16.85 -13.24 2.47
CA GLY A 113 -16.64 -11.97 3.15
C GLY A 113 -17.95 -11.21 3.32
N PHE A 114 -18.78 -11.21 2.29
CA PHE A 114 -20.08 -10.55 2.29
C PHE A 114 -20.97 -11.16 3.41
N LYS A 115 -21.02 -12.49 3.47
CA LYS A 115 -21.82 -13.20 4.49
C LYS A 115 -21.38 -12.82 5.89
N ALA A 116 -20.09 -12.61 6.10
CA ALA A 116 -19.58 -12.34 7.43
C ALA A 116 -19.35 -10.86 7.70
N GLY A 117 -19.73 -10.02 6.74
CA GLY A 117 -19.54 -8.59 6.82
C GLY A 117 -18.11 -8.07 6.99
N HIS A 118 -17.12 -8.78 6.48
CA HIS A 118 -15.73 -8.30 6.59
C HIS A 118 -15.02 -8.29 5.24
N ARG A 119 -13.96 -7.53 5.20
CA ARG A 119 -13.25 -7.22 3.98
C ARG A 119 -12.71 -8.44 3.29
N PHE A 120 -12.07 -9.33 4.07
CA PHE A 120 -11.44 -10.51 3.43
C PHE A 120 -12.42 -11.61 3.15
N ASN A 121 -11.96 -12.59 2.36
CA ASN A 121 -12.71 -13.79 2.26
C ASN A 121 -12.44 -14.54 3.54
N ARG A 122 -13.05 -15.67 3.64
CA ARG A 122 -12.94 -16.39 4.91
C ARG A 122 -11.58 -17.06 5.14
N PHE A 123 -10.75 -17.04 4.09
CA PHE A 123 -9.38 -17.50 4.14
C PHE A 123 -8.36 -16.38 4.45
N GLY A 124 -8.83 -15.16 4.76
CA GLY A 124 -7.96 -14.06 5.16
C GLY A 124 -7.31 -13.31 4.01
N GLU A 125 -7.81 -13.49 2.79
CA GLU A 125 -7.17 -12.86 1.61
C GLU A 125 -8.04 -11.68 1.15
N ASN A 126 -7.37 -10.65 0.63
CA ASN A 126 -8.00 -9.50 -0.04
C ASN A 126 -8.26 -9.82 -1.55
N PRO A 127 -9.52 -10.06 -1.95
CA PRO A 127 -9.83 -10.37 -3.34
C PRO A 127 -9.51 -9.25 -4.38
N ASN A 128 -9.26 -8.01 -3.95
CA ASN A 128 -8.95 -6.96 -4.90
C ASN A 128 -7.47 -6.67 -5.00
N ARG A 129 -6.66 -7.66 -4.73
CA ARG A 129 -5.23 -7.45 -4.88
C ARG A 129 -4.59 -8.50 -5.75
N GLY A 130 -3.41 -8.20 -6.26
CA GLY A 130 -2.63 -9.19 -6.96
C GLY A 130 -2.85 -9.35 -8.45
N PHE A 131 -3.63 -8.45 -9.08
CA PHE A 131 -3.96 -8.69 -10.49
C PHE A 131 -2.91 -8.04 -11.34
N THR A 132 -2.24 -8.89 -12.09
CA THR A 132 -1.16 -8.51 -12.99
C THR A 132 -1.07 -9.47 -14.17
N LEU A 133 -1.81 -10.58 -14.11
CA LEU A 133 -1.57 -11.88 -14.79
C LEU A 133 -2.75 -12.29 -15.67
N HIS A 143 -0.07 -11.29 -3.99
CA HIS A 143 -0.71 -12.53 -4.41
C HIS A 143 -2.25 -12.40 -4.49
N THR A 144 -2.84 -13.05 -5.49
CA THR A 144 -4.27 -13.04 -5.64
C THR A 144 -4.92 -13.95 -4.60
N SER A 145 -6.17 -13.65 -4.31
CA SER A 145 -7.04 -14.51 -3.55
C SER A 145 -7.54 -15.66 -4.40
N LEU A 146 -8.20 -16.61 -3.77
CA LEU A 146 -8.87 -17.65 -4.48
C LEU A 146 -9.85 -17.06 -5.55
N GLU A 147 -10.68 -16.10 -5.14
CA GLU A 147 -11.61 -15.42 -6.05
C GLU A 147 -10.89 -14.73 -7.21
N GLY A 148 -9.81 -14.02 -6.92
CA GLY A 148 -8.97 -13.44 -7.95
C GLY A 148 -8.46 -14.44 -8.98
N LYS A 149 -7.98 -15.57 -8.50
CA LYS A 149 -7.54 -16.60 -9.41
C LYS A 149 -8.67 -17.08 -10.32
N LEU A 150 -9.89 -17.21 -9.78
CA LEU A 150 -11.03 -17.69 -10.57
C LEU A 150 -11.41 -16.65 -11.61
N LEU A 151 -11.36 -15.38 -11.26
CA LEU A 151 -11.51 -14.30 -12.24
C LEU A 151 -10.46 -14.28 -13.34
N LEU A 152 -9.22 -14.53 -12.96
CA LEU A 152 -8.12 -14.58 -13.91
C LEU A 152 -8.22 -15.76 -14.90
N GLU A 153 -8.89 -16.85 -14.50
CA GLU A 153 -9.22 -17.99 -15.39
C GLU A 153 -10.16 -17.56 -16.51
N HIS A 154 -10.84 -16.41 -16.34
CA HIS A 154 -11.80 -15.85 -17.29
C HIS A 154 -11.35 -14.47 -17.69
N ALA A 155 -10.04 -14.27 -17.70
CA ALA A 155 -9.54 -12.90 -17.97
C ALA A 155 -10.00 -12.37 -19.34
N GLN A 156 -9.90 -13.18 -20.35
CA GLN A 156 -10.23 -12.71 -21.69
C GLN A 156 -11.68 -12.27 -21.78
N LEU A 157 -12.54 -13.04 -21.13
CA LEU A 157 -13.99 -12.74 -21.09
C LEU A 157 -14.18 -11.40 -20.36
N LEU A 158 -13.46 -11.17 -19.27
CA LEU A 158 -13.63 -9.95 -18.49
C LEU A 158 -13.06 -8.71 -19.23
N CYS A 159 -11.96 -8.87 -19.92
CA CYS A 159 -11.37 -7.82 -20.74
C CYS A 159 -12.34 -7.44 -21.89
N ALA A 160 -12.88 -8.44 -22.58
CA ALA A 160 -13.96 -8.19 -23.60
C ALA A 160 -15.13 -7.37 -23.01
N ALA A 161 -15.53 -7.74 -21.79
CA ALA A 161 -16.70 -7.14 -21.12
C ALA A 161 -16.51 -5.69 -20.71
N SER A 162 -15.25 -5.23 -20.62
CA SER A 162 -14.92 -3.92 -20.00
C SER A 162 -14.24 -3.04 -21.05
N ARG A 163 -14.28 -3.44 -22.31
CA ARG A 163 -13.45 -2.72 -23.33
C ARG A 163 -13.76 -1.22 -23.35
N ASP A 164 -15.04 -0.90 -23.28
CA ASP A 164 -15.48 0.49 -23.33
C ASP A 164 -15.62 1.17 -21.99
N GLY A 165 -15.51 0.41 -20.94
CA GLY A 165 -15.50 0.99 -19.60
C GLY A 165 -15.73 -0.01 -18.51
N ILE A 166 -15.11 0.21 -17.35
N ILE A 166 -15.19 0.28 -17.35
CA ILE A 166 -15.36 -0.58 -16.12
CA ILE A 166 -15.47 -0.46 -16.13
C ILE A 166 -15.57 0.33 -14.90
C ILE A 166 -15.76 0.50 -15.00
N LEU A 167 -16.65 0.04 -14.12
CA LEU A 167 -16.91 0.70 -12.86
C LEU A 167 -16.98 -0.39 -11.80
N THR A 168 -16.18 -0.19 -10.75
N THR A 168 -16.26 -0.19 -10.71
CA THR A 168 -16.25 -0.95 -9.53
CA THR A 168 -16.32 -1.08 -9.56
C THR A 168 -16.84 -0.06 -8.43
C THR A 168 -16.67 -0.24 -8.33
N CYS A 169 -17.72 -0.68 -7.66
CA CYS A 169 -18.42 0.04 -6.61
C CYS A 169 -17.96 -0.46 -5.28
N HIS A 170 -17.08 0.33 -4.69
CA HIS A 170 -16.58 0.14 -3.36
C HIS A 170 -17.12 1.10 -2.28
N GLU A 171 -16.68 0.85 -1.06
CA GLU A 171 -16.96 1.76 0.02
C GLU A 171 -15.72 1.92 0.86
N ASP A 172 -15.64 3.05 1.51
CA ASP A 172 -14.59 3.29 2.47
C ASP A 172 -15.27 3.34 3.84
N VAL A 173 -15.11 2.25 4.59
CA VAL A 173 -16.05 1.94 5.69
C VAL A 173 -16.02 2.94 6.83
N LEU A 174 -14.88 3.55 7.05
CA LEU A 174 -14.73 4.48 8.15
C LEU A 174 -14.94 5.94 7.74
N MSE A 175 -15.15 6.18 6.44
CA MSE A 175 -15.27 7.55 5.91
C MSE A 175 -16.68 8.10 6.11
O MSE A 175 -17.64 7.32 6.16
CB MSE A 175 -14.94 7.59 4.41
CG MSE A 175 -13.47 7.51 4.10
SE MSE A 175 -12.61 9.14 4.67
CE MSE A 175 -13.02 10.22 3.08
N ASN A 176 -16.79 9.42 6.24
CA ASN A 176 -18.09 10.14 6.09
C ASN A 176 -18.26 10.89 4.76
N GLU A 177 -17.18 11.03 4.01
CA GLU A 177 -17.12 11.76 2.75
C GLU A 177 -16.87 10.79 1.61
N THR A 178 -17.24 11.21 0.38
CA THR A 178 -17.09 10.36 -0.78
C THR A 178 -15.96 10.76 -1.76
N TYR A 179 -15.56 9.78 -2.58
CA TYR A 179 -14.56 10.07 -3.58
C TYR A 179 -14.59 8.98 -4.62
N VAL A 180 -13.82 9.19 -5.69
CA VAL A 180 -13.77 8.28 -6.79
C VAL A 180 -12.32 8.13 -7.28
N TYR A 181 -11.88 6.90 -7.51
CA TYR A 181 -10.65 6.67 -8.27
C TYR A 181 -11.00 6.66 -9.74
N SER A 182 -10.19 7.26 -10.59
CA SER A 182 -10.49 7.20 -12.02
C SER A 182 -9.23 7.00 -12.88
N PHE A 183 -9.43 6.44 -14.07
CA PHE A 183 -8.39 6.18 -15.08
C PHE A 183 -8.95 6.62 -16.43
N GLU A 184 -8.27 7.57 -17.07
CA GLU A 184 -8.54 7.97 -18.46
C GLU A 184 -7.20 8.09 -19.17
N PRO A 185 -7.20 7.89 -20.50
CA PRO A 185 -5.96 8.07 -21.27
C PRO A 185 -5.72 9.54 -21.61
N THR A 186 -5.61 10.39 -20.59
CA THR A 186 -5.46 11.81 -20.72
C THR A 186 -4.63 12.26 -19.52
N GLN A 187 -4.09 13.48 -19.59
CA GLN A 187 -3.29 14.10 -18.51
C GLN A 187 -4.12 14.38 -17.28
N THR A 188 -5.29 14.93 -17.53
CA THR A 188 -6.16 15.52 -16.52
C THR A 188 -7.50 14.79 -16.57
N PRO A 189 -8.21 14.70 -15.43
CA PRO A 189 -9.54 14.06 -15.47
C PRO A 189 -10.46 14.82 -16.39
N GLY A 190 -11.30 14.09 -17.13
CA GLY A 190 -12.30 14.73 -18.00
C GLY A 190 -13.71 14.54 -17.51
N ARG A 191 -14.66 14.65 -18.46
CA ARG A 191 -16.08 14.52 -18.12
C ARG A 191 -16.44 13.17 -17.50
N PHE A 192 -15.78 12.09 -17.93
CA PHE A 192 -16.03 10.76 -17.31
C PHE A 192 -15.89 10.85 -15.79
N SER A 193 -14.71 11.29 -15.34
CA SER A 193 -14.33 11.31 -13.91
C SER A 193 -15.21 12.31 -13.13
N LEU A 194 -15.39 13.48 -13.72
CA LEU A 194 -16.06 14.57 -13.03
C LEU A 194 -17.58 14.37 -12.94
N GLY A 195 -18.17 13.74 -13.95
CA GLY A 195 -19.57 13.28 -13.93
C GLY A 195 -19.84 12.27 -12.81
N LEU A 196 -18.93 11.32 -12.63
CA LEU A 196 -19.03 10.36 -11.52
C LEU A 196 -18.89 11.03 -10.18
N ARG A 197 -17.90 11.88 -10.06
CA ARG A 197 -17.73 12.62 -8.84
C ARG A 197 -18.98 13.41 -8.51
N ASP A 198 -19.46 14.19 -9.48
CA ASP A 198 -20.71 14.95 -9.32
C ASP A 198 -21.92 14.07 -8.90
N ALA A 199 -22.09 12.87 -9.48
CA ALA A 199 -23.17 11.94 -9.08
C ALA A 199 -23.10 11.52 -7.60
N LEU A 200 -21.89 11.16 -7.16
CA LEU A 200 -21.62 10.80 -5.78
C LEU A 200 -21.83 12.02 -4.88
N GLY A 201 -21.37 13.17 -5.35
CA GLY A 201 -21.54 14.45 -4.65
C GLY A 201 -22.98 14.94 -4.39
N GLN A 202 -23.96 14.43 -5.10
CA GLN A 202 -25.38 14.72 -4.84
C GLN A 202 -25.83 14.09 -3.50
N TYR A 203 -25.13 13.04 -3.07
CA TYR A 203 -25.49 12.28 -1.87
C TYR A 203 -24.64 12.60 -0.64
N PHE A 204 -23.34 12.81 -0.83
CA PHE A 204 -22.39 13.01 0.27
C PHE A 204 -21.43 14.13 -0.05
N LYS A 205 -20.81 14.69 0.99
CA LYS A 205 -19.73 15.66 0.83
C LYS A 205 -18.53 14.94 0.26
N LEU A 206 -17.88 15.61 -0.68
CA LEU A 206 -16.64 15.15 -1.32
C LEU A 206 -15.49 15.22 -0.33
N ALA A 207 -14.62 14.23 -0.41
CA ALA A 207 -13.38 14.26 0.34
C ALA A 207 -12.44 15.29 -0.26
N LYS A 208 -11.97 16.20 0.59
CA LYS A 208 -11.03 17.26 0.19
C LYS A 208 -9.77 17.27 1.11
N PHE A 211 -5.67 11.65 1.89
CA PHE A 211 -4.78 10.77 1.13
C PHE A 211 -5.09 9.28 1.12
N ILE A 212 -4.93 8.66 -0.03
CA ILE A 212 -4.93 7.22 -0.10
C ILE A 212 -3.48 6.84 -0.43
N ASP A 213 -2.84 6.09 0.47
CA ASP A 213 -1.48 5.57 0.26
C ASP A 213 -0.55 6.67 -0.27
N GLU A 214 -0.50 7.80 0.46
CA GLU A 214 0.39 8.92 0.13
C GLU A 214 -0.04 9.69 -1.10
N CYS A 215 -1.12 9.25 -1.73
CA CYS A 215 -1.63 9.87 -2.94
C CYS A 215 -2.76 10.83 -2.61
N PRO A 216 -2.65 12.09 -3.05
CA PRO A 216 -3.68 13.04 -2.61
C PRO A 216 -5.00 12.88 -3.39
N VAL A 217 -6.10 13.16 -2.71
CA VAL A 217 -7.40 13.25 -3.36
C VAL A 217 -7.59 14.72 -3.69
N THR A 218 -7.89 15.00 -4.95
CA THR A 218 -8.04 16.37 -5.39
C THR A 218 -9.43 16.57 -5.97
N ASP A 219 -10.23 17.35 -5.24
CA ASP A 219 -11.59 17.65 -5.64
C ASP A 219 -12.38 16.31 -5.71
N GLY A 220 -12.14 15.40 -4.78
CA GLY A 220 -12.85 14.12 -4.72
C GLY A 220 -12.48 13.05 -5.75
N VAL A 221 -11.39 13.25 -6.49
CA VAL A 221 -10.92 12.34 -7.52
C VAL A 221 -9.48 11.95 -7.20
N ILE A 222 -9.20 10.64 -7.30
CA ILE A 222 -7.82 10.13 -7.35
C ILE A 222 -7.59 9.63 -8.78
N PHE A 223 -6.63 10.23 -9.48
CA PHE A 223 -6.55 10.00 -10.92
C PHE A 223 -5.33 9.18 -11.39
N ASN A 224 -5.61 8.09 -12.10
CA ASN A 224 -4.56 7.32 -12.74
C ASN A 224 -3.53 6.80 -11.75
N HIS A 225 -4.01 6.38 -10.59
CA HIS A 225 -3.16 5.74 -9.59
C HIS A 225 -3.21 4.20 -9.82
N PHE A 226 -2.18 3.65 -10.41
CA PHE A 226 -2.11 2.23 -10.68
C PHE A 226 -1.58 1.41 -9.51
N ASP A 227 -2.24 0.30 -9.26
CA ASP A 227 -1.84 -0.62 -8.23
C ASP A 227 -2.16 -2.02 -8.76
N THR A 228 -2.40 -3.01 -7.89
CA THR A 228 -2.67 -4.38 -8.40
C THR A 228 -4.15 -4.79 -8.31
N SER A 229 -5.02 -3.81 -8.35
CA SER A 229 -6.44 -3.98 -8.23
C SER A 229 -6.99 -4.53 -9.55
N PHE A 230 -8.20 -5.04 -9.47
CA PHE A 230 -8.91 -5.58 -10.62
C PHE A 230 -9.09 -4.50 -11.70
N GLU A 231 -9.52 -3.34 -11.27
CA GLU A 231 -9.76 -2.21 -12.18
C GLU A 231 -8.46 -1.74 -12.87
N ALA A 232 -7.35 -1.63 -12.17
CA ALA A 232 -6.10 -1.21 -12.83
C ALA A 232 -5.65 -2.26 -13.84
N PHE A 233 -5.79 -3.51 -13.46
CA PHE A 233 -5.57 -4.67 -14.36
C PHE A 233 -6.37 -4.55 -15.67
N LEU A 234 -7.66 -4.27 -15.56
CA LEU A 234 -8.46 -4.15 -16.76
C LEU A 234 -8.02 -2.92 -17.63
N VAL A 235 -7.57 -1.83 -17.01
CA VAL A 235 -7.04 -0.70 -17.75
C VAL A 235 -5.75 -1.08 -18.48
N ARG A 236 -4.84 -1.72 -17.78
CA ARG A 236 -3.55 -2.14 -18.42
C ARG A 236 -3.89 -3.11 -19.58
N SER A 237 -5.00 -3.80 -19.44
CA SER A 237 -5.43 -4.81 -20.42
C SER A 237 -6.22 -4.18 -21.57
N GLY A 238 -6.45 -2.86 -21.51
CA GLY A 238 -7.10 -2.12 -22.59
C GLY A 238 -8.43 -1.41 -22.33
N ALA A 239 -9.06 -1.56 -21.17
CA ALA A 239 -10.30 -0.77 -20.92
C ALA A 239 -10.04 0.71 -21.11
N LYS A 240 -10.92 1.37 -21.86
CA LYS A 240 -10.75 2.76 -22.26
C LYS A 240 -10.94 3.75 -21.11
N LEU A 241 -11.79 3.40 -20.15
CA LEU A 241 -12.12 4.27 -19.02
C LEU A 241 -12.43 3.30 -17.83
N ALA A 242 -12.01 3.72 -16.64
CA ALA A 242 -12.33 2.98 -15.45
C ALA A 242 -12.54 3.88 -14.28
N ALA A 243 -13.39 3.43 -13.37
CA ALA A 243 -13.54 4.15 -12.11
C ALA A 243 -13.82 3.19 -10.97
N CYS A 244 -13.46 3.61 -9.77
CA CYS A 244 -13.84 2.89 -8.56
C CYS A 244 -14.48 3.90 -7.64
N SER A 245 -15.79 3.81 -7.44
CA SER A 245 -16.43 4.74 -6.52
C SER A 245 -16.21 4.25 -5.10
N GLU A 246 -16.16 5.20 -4.18
CA GLU A 246 -16.03 4.91 -2.76
C GLU A 246 -17.09 5.69 -2.00
N THR A 247 -18.19 5.01 -1.64
CA THR A 247 -19.18 5.61 -0.72
C THR A 247 -18.73 5.48 0.76
N PRO A 248 -19.10 6.45 1.62
CA PRO A 248 -18.69 6.46 3.02
C PRO A 248 -19.49 5.50 3.89
N GLY A 249 -18.81 4.58 4.56
CA GLY A 249 -19.50 3.55 5.34
C GLY A 249 -20.13 3.99 6.65
N GLN A 250 -19.73 5.18 7.10
CA GLN A 250 -20.25 5.75 8.34
C GLN A 250 -21.53 6.52 8.11
N GLU A 251 -22.04 6.51 6.89
CA GLU A 251 -23.28 7.17 6.54
C GLU A 251 -24.41 6.14 6.42
N ASP A 252 -25.64 6.63 6.19
CA ASP A 252 -26.84 5.81 6.15
C ASP A 252 -26.79 4.77 4.99
N PHE A 253 -27.07 3.52 5.34
CA PHE A 253 -26.91 2.42 4.41
C PHE A 253 -27.76 2.61 3.19
N ASP A 254 -29.03 2.93 3.39
CA ASP A 254 -29.92 3.06 2.24
C ASP A 254 -29.55 4.25 1.33
N ARG A 255 -29.02 5.30 1.91
CA ARG A 255 -28.44 6.37 1.10
C ARG A 255 -27.21 5.90 0.32
N ARG A 256 -26.43 4.99 0.88
CA ARG A 256 -25.26 4.48 0.17
C ARG A 256 -25.68 3.61 -0.97
N VAL A 257 -26.77 2.88 -0.78
CA VAL A 257 -27.35 2.04 -1.82
C VAL A 257 -27.80 2.91 -2.96
N GLN A 258 -28.48 4.01 -2.61
CA GLN A 258 -28.94 4.97 -3.59
C GLN A 258 -27.80 5.64 -4.36
N ALA A 259 -26.76 6.05 -3.66
CA ALA A 259 -25.60 6.68 -4.26
C ALA A 259 -24.86 5.75 -5.24
N ASN A 260 -24.63 4.52 -4.83
CA ASN A 260 -24.06 3.45 -5.72
C ASN A 260 -24.87 3.25 -7.00
N SER A 261 -26.17 3.14 -6.84
CA SER A 261 -27.08 3.01 -7.97
C SER A 261 -27.00 4.22 -8.90
N ALA A 262 -26.85 5.43 -8.31
CA ALA A 262 -26.71 6.70 -9.04
C ALA A 262 -25.39 6.79 -9.81
N ALA A 263 -24.26 6.39 -9.17
CA ALA A 263 -22.92 6.22 -9.87
C ALA A 263 -23.03 5.32 -11.07
N MSE A 264 -23.73 4.21 -10.91
CA MSE A 264 -23.92 3.25 -11.96
C MSE A 264 -24.74 3.85 -13.11
O MSE A 264 -24.46 3.60 -14.29
CB MSE A 264 -24.56 1.97 -11.42
CG MSE A 264 -23.68 1.15 -10.59
SE MSE A 264 -24.67 -0.33 -9.76
CE MSE A 264 -23.47 -0.71 -8.24
N GLY A 265 -25.76 4.63 -12.78
CA GLY A 265 -26.60 5.26 -13.76
C GLY A 265 -25.82 6.30 -14.54
N GLN A 266 -24.97 7.05 -13.85
CA GLN A 266 -24.11 8.07 -14.50
C GLN A 266 -23.04 7.41 -15.40
N PHE A 267 -22.53 6.26 -14.96
CA PHE A 267 -21.48 5.56 -15.75
C PHE A 267 -22.06 5.18 -17.11
N ILE A 268 -23.25 4.60 -17.06
CA ILE A 268 -24.02 4.22 -18.25
C ILE A 268 -24.43 5.41 -19.09
N ALA A 269 -24.90 6.50 -18.46
CA ALA A 269 -25.19 7.72 -19.20
C ALA A 269 -23.99 8.29 -20.00
N HIS A 270 -22.78 8.17 -19.43
CA HIS A 270 -21.57 8.74 -20.06
C HIS A 270 -21.08 7.83 -21.14
N CYS A 271 -21.11 6.53 -20.84
CA CYS A 271 -20.46 5.50 -21.67
C CYS A 271 -21.37 4.86 -22.69
N ALA A 272 -22.69 4.89 -22.46
CA ALA A 272 -23.62 4.41 -23.46
C ALA A 272 -24.72 5.43 -23.58
N PRO A 273 -24.41 6.62 -24.09
CA PRO A 273 -25.42 7.68 -24.10
C PRO A 273 -26.65 7.36 -24.97
N ILE A 274 -27.75 7.97 -24.58
CA ILE A 274 -28.96 8.06 -25.40
C ILE A 274 -28.72 9.03 -26.55
N MSE B 2 -8.55 5.59 3.38
CA MSE B 2 -8.24 7.06 3.28
C MSE B 2 -7.91 7.67 4.65
O MSE B 2 -8.67 7.53 5.61
CB MSE B 2 -9.40 7.83 2.60
CG MSE B 2 -9.32 9.37 2.74
SE MSE B 2 -10.01 10.37 1.19
CE MSE B 2 -8.42 10.02 0.08
N THR B 3 -6.76 8.34 4.70
CA THR B 3 -6.22 8.92 5.91
C THR B 3 -6.30 10.45 5.85
N SER B 4 -6.46 11.07 7.02
CA SER B 4 -6.46 12.54 7.16
C SER B 4 -5.06 13.16 7.36
N ARG B 5 -4.05 12.38 7.70
CA ARG B 5 -2.73 12.97 7.98
C ARG B 5 -1.77 12.94 6.78
N SER B 6 -1.17 14.11 6.50
CA SER B 6 -0.37 14.32 5.29
C SER B 6 1.00 13.68 5.38
N PRO B 7 1.46 13.01 4.29
CA PRO B 7 2.87 12.65 4.20
C PRO B 7 3.77 13.87 3.90
N PHE B 8 3.20 15.08 3.78
CA PHE B 8 4.02 16.27 3.46
C PHE B 8 4.42 17.02 4.76
N GLU B 9 3.95 16.54 5.89
CA GLU B 9 4.16 17.20 7.18
C GLU B 9 5.62 17.17 7.64
N SER B 10 6.12 18.30 8.15
CA SER B 10 7.49 18.38 8.77
C SER B 10 7.52 18.11 10.25
N PHE B 11 8.59 17.43 10.72
CA PHE B 11 8.76 17.01 12.12
C PHE B 11 10.20 17.31 12.45
N VAL B 12 10.42 17.98 13.58
CA VAL B 12 11.77 18.28 14.10
C VAL B 12 11.86 18.01 15.63
N TRP B 13 13.05 17.64 16.09
CA TRP B 13 13.34 17.36 17.51
C TRP B 13 14.67 17.94 17.86
N GLN B 14 14.86 18.29 19.14
CA GLN B 14 16.18 18.63 19.68
C GLN B 14 16.91 17.40 20.22
N SER B 15 18.22 17.37 19.99
CA SER B 15 19.07 16.30 20.53
C SER B 15 20.03 16.89 21.55
N GLU B 16 20.01 16.37 22.76
CA GLU B 16 21.10 16.62 23.67
C GLU B 16 22.38 15.84 23.36
N ILE B 17 22.27 14.65 22.82
CA ILE B 17 23.47 13.89 22.47
C ILE B 17 24.34 14.71 21.48
N PHE B 18 23.71 15.19 20.43
CA PHE B 18 24.41 15.93 19.36
C PHE B 18 24.35 17.43 19.51
N ASN B 19 23.56 17.88 20.47
N ASN B 19 23.62 17.93 20.50
CA ASN B 19 23.49 19.28 20.79
CA ASN B 19 23.57 19.37 20.79
C ASN B 19 23.19 20.09 19.51
C ASN B 19 23.02 20.24 19.64
N CYS B 20 22.12 19.67 18.83
CA CYS B 20 21.61 20.34 17.68
C CYS B 20 20.21 19.86 17.39
N GLN B 21 19.59 20.52 16.41
CA GLN B 21 18.30 20.11 15.91
C GLN B 21 18.45 18.93 14.93
N SER B 22 17.43 18.12 14.91
CA SER B 22 17.41 16.90 14.13
C SER B 22 17.55 17.04 12.61
N ASN B 23 17.11 18.16 12.06
CA ASN B 23 17.21 18.43 10.63
C ASN B 23 18.45 19.27 10.29
N ASP B 24 19.44 19.32 11.23
CA ASP B 24 20.67 20.17 11.05
C ASP B 24 21.65 19.37 10.19
N ILE B 25 21.43 19.46 8.88
CA ILE B 25 22.09 18.58 7.94
C ILE B 25 23.58 18.87 7.86
N ASP B 26 23.96 20.13 8.01
CA ASP B 26 25.41 20.55 7.99
C ASP B 26 26.17 19.98 9.21
N ALA B 27 25.51 20.02 10.36
CA ALA B 27 26.03 19.39 11.60
C ALA B 27 26.20 17.91 11.35
N PHE B 28 25.16 17.29 10.81
CA PHE B 28 25.19 15.87 10.46
C PHE B 28 26.38 15.48 9.61
N TYR B 29 26.47 16.07 8.44
CA TYR B 29 27.62 15.78 7.58
C TYR B 29 28.96 16.00 8.28
N ALA B 30 29.07 17.08 9.03
CA ALA B 30 30.35 17.38 9.75
C ALA B 30 30.73 16.29 10.76
N GLN B 31 29.80 15.87 11.59
CA GLN B 31 30.07 14.83 12.60
C GLN B 31 30.27 13.46 11.94
N LEU B 32 29.52 13.21 10.87
CA LEU B 32 29.77 12.03 10.03
C LEU B 32 31.20 11.96 9.47
N ALA B 33 31.68 13.09 8.95
CA ALA B 33 33.00 13.18 8.31
C ALA B 33 34.07 12.87 9.33
N GLU B 34 33.84 13.28 10.58
CA GLU B 34 34.76 12.99 11.65
C GLU B 34 34.87 11.49 11.97
N GLU B 35 33.73 10.79 12.01
CA GLU B 35 33.74 9.37 12.38
C GLU B 35 34.29 8.52 11.26
N VAL B 36 33.94 8.85 10.02
CA VAL B 36 34.50 8.08 8.89
C VAL B 36 36.00 8.33 8.73
N ASN B 37 36.51 9.52 9.06
CA ASN B 37 37.95 9.74 9.01
C ASN B 37 38.67 8.87 10.05
N ARG B 38 38.12 8.90 11.28
CA ARG B 38 38.66 8.14 12.40
C ARG B 38 38.70 6.65 12.05
N LEU B 39 37.64 6.15 11.42
CA LEU B 39 37.48 4.73 11.15
C LEU B 39 38.18 4.23 9.87
N GLY B 40 38.65 5.14 9.02
CA GLY B 40 39.33 4.77 7.78
C GLY B 40 38.43 4.20 6.70
N LEU B 41 37.17 4.65 6.70
CA LEU B 41 36.25 4.21 5.67
C LEU B 41 36.45 5.04 4.38
N LYS B 42 36.24 4.36 3.25
CA LYS B 42 36.30 4.94 1.91
C LYS B 42 34.86 5.38 1.47
N LYS B 43 34.75 6.65 1.09
CA LYS B 43 33.54 7.24 0.58
C LYS B 43 33.41 6.98 -0.92
N ASN B 44 32.22 6.59 -1.30
CA ASN B 44 31.87 6.41 -2.68
C ASN B 44 30.57 7.15 -2.90
N THR B 45 30.67 8.28 -3.58
CA THR B 45 29.49 9.10 -3.83
C THR B 45 28.61 8.50 -4.92
N LEU B 46 27.38 8.15 -4.59
CA LEU B 46 26.46 7.47 -5.50
C LEU B 46 25.73 8.54 -6.32
N GLY B 47 25.75 9.80 -5.86
CA GLY B 47 25.01 10.88 -6.50
C GLY B 47 24.86 12.05 -5.56
N SER B 48 24.20 13.11 -6.05
CA SER B 48 24.04 14.35 -5.29
C SER B 48 22.80 15.08 -5.75
N VAL B 49 22.06 15.66 -4.82
N VAL B 49 22.12 15.70 -4.79
CA VAL B 49 20.93 16.51 -5.17
CA VAL B 49 20.88 16.43 -5.00
C VAL B 49 20.84 17.68 -4.19
C VAL B 49 21.02 17.73 -4.17
N ASP B 50 20.68 18.88 -4.75
CA ASP B 50 20.63 20.14 -4.00
C ASP B 50 21.93 20.36 -3.23
N SER B 51 23.04 19.92 -3.84
CA SER B 51 24.41 20.03 -3.32
C SER B 51 24.75 19.03 -2.24
N PHE B 52 23.82 18.14 -1.89
CA PHE B 52 24.08 17.13 -0.86
C PHE B 52 24.45 15.79 -1.50
N ALA B 53 25.61 15.26 -1.09
CA ALA B 53 26.04 13.93 -1.53
C ALA B 53 25.26 12.85 -0.88
N ILE B 54 24.92 11.84 -1.67
CA ILE B 54 24.52 10.54 -1.24
C ILE B 54 25.70 9.53 -1.32
N ASN B 55 26.27 9.20 -0.16
CA ASN B 55 27.51 8.49 -0.04
C ASN B 55 27.31 7.10 0.55
N LEU B 56 28.05 6.16 -0.02
CA LEU B 56 28.19 4.79 0.55
C LEU B 56 29.59 4.77 1.16
N TYR B 57 29.72 4.40 2.41
CA TYR B 57 31.01 4.22 3.04
C TYR B 57 31.30 2.74 3.20
N GLN B 58 32.53 2.33 2.92
CA GLN B 58 32.88 0.94 3.02
C GLN B 58 34.29 0.78 3.56
N SER B 59 34.55 -0.40 4.13
CA SER B 59 35.91 -0.84 4.53
C SER B 59 36.91 -0.58 3.41
N ALA B 60 38.10 -0.17 3.81
CA ALA B 60 39.17 0.11 2.86
C ALA B 60 39.45 -1.11 1.98
N ARG B 63 37.21 -8.01 1.61
CA ARG B 63 37.71 -9.35 1.89
C ARG B 63 36.69 -10.44 1.64
N SER B 64 37.02 -11.39 0.77
CA SER B 64 36.07 -12.43 0.37
C SER B 64 35.74 -13.44 1.48
N ASP B 65 36.62 -13.56 2.48
CA ASP B 65 36.40 -14.49 3.58
C ASP B 65 35.52 -13.92 4.70
N LEU B 66 35.13 -12.65 4.59
CA LEU B 66 34.39 -11.99 5.67
C LEU B 66 32.94 -11.74 5.23
N PRO B 67 31.99 -11.68 6.19
CA PRO B 67 30.66 -11.37 5.74
C PRO B 67 30.51 -9.90 5.28
N SER B 68 29.57 -9.67 4.34
CA SER B 68 29.34 -8.31 3.79
C SER B 68 27.98 -7.87 4.24
N LEU B 69 27.98 -6.79 5.02
CA LEU B 69 26.75 -6.26 5.63
C LEU B 69 26.58 -4.82 5.22
N LEU B 70 25.33 -4.44 5.08
CA LEU B 70 24.96 -3.06 4.76
C LEU B 70 23.99 -2.53 5.82
N ILE B 71 24.23 -1.29 6.26
CA ILE B 71 23.31 -0.58 7.13
C ILE B 71 22.95 0.73 6.44
N SER B 72 21.66 0.98 6.26
CA SER B 72 21.15 2.18 5.58
C SER B 72 20.14 2.89 6.43
N SER B 73 20.10 4.21 6.25
N SER B 73 20.07 4.20 6.22
CA SER B 73 19.09 4.99 6.88
CA SER B 73 19.04 4.96 6.86
C SER B 73 18.81 6.29 6.11
C SER B 73 18.67 6.17 5.99
N GLY B 74 17.81 7.01 6.57
CA GLY B 74 17.52 8.31 5.99
C GLY B 74 16.81 8.26 4.67
N PHE B 75 16.01 7.20 4.42
CA PHE B 75 15.11 7.19 3.25
C PHE B 75 14.01 8.29 3.40
N HIS B 76 13.58 8.53 4.65
CA HIS B 76 12.45 9.36 4.97
C HIS B 76 12.84 10.42 5.91
N GLY B 77 12.67 11.63 5.49
CA GLY B 77 13.24 12.74 6.25
C GLY B 77 12.63 13.01 7.59
N GLU B 78 11.39 12.56 7.81
CA GLU B 78 10.80 12.74 9.15
C GLU B 78 11.34 11.69 10.12
N GLU B 79 12.12 10.74 9.59
CA GLU B 79 12.59 9.60 10.36
C GLU B 79 14.05 9.80 10.77
N ALA B 80 14.27 10.93 11.45
CA ALA B 80 15.62 11.47 11.64
C ALA B 80 16.45 10.73 12.69
N ALA B 81 15.81 9.95 13.56
CA ALA B 81 16.58 9.15 14.55
C ALA B 81 17.45 8.06 13.90
N GLY B 82 17.14 7.72 12.64
CA GLY B 82 17.91 6.73 11.86
C GLY B 82 19.32 7.18 11.59
N PRO B 83 19.48 8.29 10.79
CA PRO B 83 20.83 8.73 10.51
C PRO B 83 21.60 9.16 11.73
N TRP B 84 20.96 9.86 12.66
CA TRP B 84 21.63 10.19 13.92
C TRP B 84 21.99 8.97 14.76
N GLY B 85 21.10 7.96 14.73
CA GLY B 85 21.38 6.62 15.34
C GLY B 85 22.64 6.01 14.75
N MSE B 86 22.77 6.07 13.43
CA MSE B 86 23.97 5.62 12.77
C MSE B 86 25.23 6.31 13.22
O MSE B 86 26.25 5.66 13.45
CB MSE B 86 23.87 5.73 11.24
CG MSE B 86 25.08 5.02 10.61
SE MSE B 86 24.82 4.47 8.78
CE MSE B 86 22.97 4.01 8.73
N LEU B 87 25.19 7.63 13.34
CA LEU B 87 26.35 8.38 13.85
C LEU B 87 26.69 7.94 15.30
N HIS B 88 25.68 7.79 16.14
CA HIS B 88 25.86 7.26 17.49
C HIS B 88 26.54 5.91 17.51
N PHE B 89 26.11 5.06 16.59
CA PHE B 89 26.62 3.74 16.43
C PHE B 89 28.12 3.82 16.09
N LEU B 90 28.45 4.59 15.07
CA LEU B 90 29.82 4.78 14.58
C LEU B 90 30.78 5.31 15.63
N ARG B 91 30.28 6.22 16.46
N ARG B 91 30.28 6.18 16.48
CA ARG B 91 31.06 6.75 17.58
CA ARG B 91 31.11 6.74 17.55
C ARG B 91 31.55 5.67 18.52
C ARG B 91 31.54 5.70 18.56
N GLY B 92 30.78 4.60 18.66
CA GLY B 92 31.14 3.47 19.54
C GLY B 92 32.03 2.38 18.92
N LEU B 93 32.29 2.47 17.62
CA LEU B 93 33.03 1.46 16.89
C LEU B 93 34.51 1.73 16.94
N GLN B 94 35.28 0.66 16.80
CA GLN B 94 36.75 0.74 16.57
C GLN B 94 37.13 0.13 15.20
N PRO B 95 38.18 0.66 14.57
CA PRO B 95 38.60 0.11 13.28
C PRO B 95 38.82 -1.42 13.27
N ALA B 96 39.13 -2.04 14.41
CA ALA B 96 39.23 -3.51 14.49
C ALA B 96 38.00 -4.24 13.90
N LEU B 97 36.82 -3.63 14.02
CA LEU B 97 35.62 -4.31 13.55
C LEU B 97 35.73 -4.77 12.08
N PHE B 98 36.34 -3.92 11.28
CA PHE B 98 36.49 -4.13 9.84
C PHE B 98 37.50 -5.24 9.45
N GLU B 99 38.18 -5.80 10.44
CA GLU B 99 38.97 -6.99 10.29
C GLU B 99 38.10 -8.23 10.15
N ARG B 100 36.88 -8.21 10.66
CA ARG B 100 36.04 -9.39 10.55
C ARG B 100 34.76 -9.19 9.77
N VAL B 101 34.50 -7.99 9.31
CA VAL B 101 33.31 -7.77 8.51
C VAL B 101 33.55 -6.69 7.47
N ASN B 102 33.03 -6.90 6.26
CA ASN B 102 32.98 -5.84 5.23
C ASN B 102 31.68 -5.07 5.50
N LEU B 103 31.78 -4.03 6.33
CA LEU B 103 30.60 -3.27 6.68
C LEU B 103 30.52 -2.08 5.76
N SER B 104 29.35 -1.92 5.16
CA SER B 104 29.03 -0.79 4.30
C SER B 104 27.92 0.00 4.95
N LEU B 105 28.01 1.34 4.82
CA LEU B 105 27.06 2.28 5.44
C LEU B 105 26.50 3.26 4.45
N LEU B 106 25.17 3.36 4.40
CA LEU B 106 24.52 4.37 3.53
C LEU B 106 23.67 5.24 4.46
N PRO B 107 24.27 6.24 5.07
CA PRO B 107 23.59 6.82 6.18
C PRO B 107 22.44 7.78 5.88
N LEU B 108 22.47 8.41 4.70
CA LEU B 108 21.44 9.39 4.39
C LEU B 108 21.13 9.39 2.90
N VAL B 109 20.06 8.69 2.52
CA VAL B 109 19.60 8.55 1.16
C VAL B 109 18.82 9.77 0.64
N ASN B 110 18.09 10.43 1.55
CA ASN B 110 17.15 11.52 1.21
C ASN B 110 17.55 12.83 1.94
N PRO B 111 18.64 13.45 1.49
CA PRO B 111 19.03 14.68 2.21
C PRO B 111 18.06 15.83 2.11
N THR B 112 17.33 15.98 1.00
CA THR B 112 16.41 17.12 0.86
C THR B 112 15.17 16.97 1.83
N GLY B 113 14.70 15.74 1.99
CA GLY B 113 13.64 15.39 2.99
C GLY B 113 14.17 15.60 4.41
N PHE B 114 15.42 15.21 4.64
CA PHE B 114 16.03 15.29 5.96
C PHE B 114 16.14 16.76 6.43
N LYS B 115 16.65 17.61 5.55
CA LYS B 115 16.78 19.04 5.80
C LYS B 115 15.44 19.69 6.18
N ALA B 116 14.37 19.24 5.55
CA ALA B 116 13.04 19.82 5.75
C ALA B 116 12.15 19.05 6.75
N GLY B 117 12.70 18.01 7.33
CA GLY B 117 12.03 17.14 8.27
C GLY B 117 10.78 16.41 7.76
N HIS B 118 10.75 16.09 6.47
CA HIS B 118 9.56 15.47 5.95
C HIS B 118 9.94 14.21 5.17
N ARG B 119 8.95 13.36 5.01
CA ARG B 119 9.09 12.01 4.47
C ARG B 119 9.67 12.07 3.05
N PHE B 120 9.03 12.87 2.20
CA PHE B 120 9.41 12.88 0.75
C PHE B 120 10.67 13.70 0.49
N ASN B 121 11.24 13.48 -0.68
CA ASN B 121 12.26 14.44 -1.14
C ASN B 121 11.57 15.79 -1.48
N ARG B 122 12.42 16.76 -1.82
CA ARG B 122 11.95 18.11 -2.26
C ARG B 122 10.92 18.06 -3.43
N PHE B 123 11.06 17.06 -4.29
CA PHE B 123 10.18 16.80 -5.44
C PHE B 123 8.90 16.02 -5.16
N GLY B 124 8.70 15.67 -3.89
CA GLY B 124 7.46 15.06 -3.48
C GLY B 124 7.43 13.56 -3.73
N GLU B 125 8.58 12.93 -3.86
CA GLU B 125 8.66 11.51 -4.15
C GLU B 125 9.13 10.77 -2.90
N ASN B 126 8.72 9.52 -2.80
CA ASN B 126 9.11 8.63 -1.71
C ASN B 126 10.29 7.76 -2.13
N PRO B 127 11.47 8.02 -1.55
CA PRO B 127 12.67 7.29 -1.90
C PRO B 127 12.71 5.77 -1.61
N ASN B 128 11.78 5.25 -0.82
CA ASN B 128 11.86 3.84 -0.45
C ASN B 128 10.84 3.03 -1.24
N ARG B 129 10.40 3.53 -2.40
CA ARG B 129 9.39 2.82 -3.21
C ARG B 129 9.93 2.68 -4.61
N GLY B 130 9.45 1.66 -5.31
CA GLY B 130 9.70 1.51 -6.72
C GLY B 130 10.84 0.59 -7.06
N PHE B 131 11.50 -0.03 -6.11
CA PHE B 131 12.65 -0.83 -6.42
C PHE B 131 12.27 -2.19 -6.99
N THR B 132 12.55 -2.42 -8.26
CA THR B 132 12.19 -3.70 -8.93
C THR B 132 13.25 -4.79 -9.22
N GLU B 142 4.32 1.92 -9.11
CA GLU B 142 5.34 2.47 -8.19
C GLU B 142 6.62 2.85 -8.98
N HIS B 143 6.88 4.15 -9.02
CA HIS B 143 8.06 4.67 -9.67
C HIS B 143 9.06 4.96 -8.57
N THR B 144 10.33 4.90 -8.92
CA THR B 144 11.37 5.25 -8.03
C THR B 144 11.43 6.78 -7.96
N SER B 145 12.03 7.24 -6.90
CA SER B 145 12.37 8.62 -6.73
C SER B 145 13.71 8.86 -7.46
N LEU B 146 14.10 10.12 -7.55
CA LEU B 146 15.43 10.46 -8.08
C LEU B 146 16.54 9.75 -7.31
N GLU B 147 16.41 9.68 -5.96
CA GLU B 147 17.42 9.06 -5.14
C GLU B 147 17.52 7.56 -5.44
N GLY B 148 16.34 6.97 -5.60
CA GLY B 148 16.18 5.56 -5.95
C GLY B 148 16.83 5.23 -7.27
N LYS B 149 16.63 6.06 -8.29
CA LYS B 149 17.30 5.85 -9.55
C LYS B 149 18.79 5.88 -9.36
N LEU B 150 19.27 6.80 -8.53
CA LEU B 150 20.70 6.91 -8.35
C LEU B 150 21.30 5.69 -7.62
N LEU B 151 20.55 5.11 -6.70
CA LEU B 151 20.92 3.88 -6.00
C LEU B 151 20.88 2.71 -6.99
N LEU B 152 19.90 2.69 -7.86
CA LEU B 152 19.83 1.60 -8.84
C LEU B 152 20.93 1.61 -9.90
N GLU B 153 21.48 2.78 -10.17
CA GLU B 153 22.66 2.94 -11.04
C GLU B 153 23.89 2.22 -10.43
N HIS B 154 23.84 1.99 -9.10
CA HIS B 154 24.87 1.28 -8.34
C HIS B 154 24.36 -0.02 -7.73
N ALA B 155 23.38 -0.66 -8.38
CA ALA B 155 22.71 -1.84 -7.82
C ALA B 155 23.64 -3.04 -7.53
N GLN B 156 24.55 -3.36 -8.44
CA GLN B 156 25.44 -4.52 -8.20
C GLN B 156 26.38 -4.23 -7.02
N LEU B 157 26.85 -2.99 -6.87
CA LEU B 157 27.65 -2.56 -5.70
C LEU B 157 26.86 -2.81 -4.40
N LEU B 158 25.59 -2.43 -4.38
CA LEU B 158 24.81 -2.48 -3.18
C LEU B 158 24.34 -3.90 -2.88
N CYS B 159 24.13 -4.67 -3.93
CA CYS B 159 23.78 -6.08 -3.76
C CYS B 159 24.99 -6.80 -3.16
N ALA B 160 26.18 -6.52 -3.67
CA ALA B 160 27.40 -7.15 -3.12
C ALA B 160 27.65 -6.81 -1.63
N ALA B 161 27.34 -5.57 -1.31
CA ALA B 161 27.48 -4.95 0.02
C ALA B 161 26.56 -5.58 1.07
N SER B 162 25.46 -6.16 0.62
CA SER B 162 24.38 -6.62 1.47
C SER B 162 24.26 -8.15 1.44
N ARG B 163 25.22 -8.82 0.84
CA ARG B 163 25.16 -10.27 0.60
C ARG B 163 24.75 -11.05 1.88
N ASP B 164 25.35 -10.72 3.03
CA ASP B 164 25.14 -11.50 4.27
C ASP B 164 24.19 -10.86 5.25
N GLY B 165 23.63 -9.76 4.80
CA GLY B 165 22.63 -9.05 5.57
C GLY B 165 22.47 -7.58 5.27
N ILE B 166 21.24 -7.10 5.46
N ILE B 166 21.25 -7.10 5.43
CA ILE B 166 20.93 -5.66 5.30
CA ILE B 166 21.10 -5.65 5.48
C ILE B 166 19.97 -5.22 6.42
C ILE B 166 20.12 -5.32 6.57
N LEU B 167 20.33 -4.14 7.12
CA LEU B 167 19.45 -3.50 8.12
C LEU B 167 19.19 -2.12 7.63
N THR B 168 17.94 -1.75 7.63
CA THR B 168 17.55 -0.36 7.30
C THR B 168 16.79 0.19 8.50
N CYS B 169 17.16 1.38 8.90
CA CYS B 169 16.65 1.96 10.14
C CYS B 169 15.66 3.05 9.84
N HIS B 170 14.40 2.77 10.13
CA HIS B 170 13.31 3.69 9.91
C HIS B 170 12.66 4.10 11.26
N GLU B 171 11.74 5.05 11.18
CA GLU B 171 10.78 5.34 12.26
C GLU B 171 9.30 5.37 11.78
N ASP B 172 8.39 5.18 12.69
CA ASP B 172 6.99 5.30 12.40
C ASP B 172 6.60 6.51 13.21
N VAL B 173 6.48 7.65 12.52
CA VAL B 173 6.45 8.92 13.25
C VAL B 173 5.26 9.13 14.16
N LEU B 174 4.15 8.49 13.85
CA LEU B 174 2.97 8.68 14.68
C LEU B 174 2.88 7.67 15.82
N MSE B 175 3.84 6.74 15.86
CA MSE B 175 3.79 5.61 16.82
C MSE B 175 4.41 5.93 18.17
O MSE B 175 5.31 6.77 18.27
CB MSE B 175 4.48 4.40 16.24
CG MSE B 175 3.69 3.71 15.14
SE MSE B 175 2.08 2.77 15.81
CE MSE B 175 2.94 1.20 16.56
N ASN B 176 3.92 5.22 19.18
CA ASN B 176 4.51 5.14 20.52
C ASN B 176 5.22 3.80 20.80
N GLU B 177 4.91 2.78 20.00
CA GLU B 177 5.42 1.42 20.17
C GLU B 177 6.34 1.07 19.02
N THR B 178 7.21 0.10 19.24
CA THR B 178 8.23 -0.25 18.24
C THR B 178 7.93 -1.64 17.61
N TYR B 179 8.48 -1.82 16.40
CA TYR B 179 8.40 -3.08 15.70
C TYR B 179 9.51 -3.17 14.68
N VAL B 180 9.58 -4.33 14.03
CA VAL B 180 10.59 -4.64 13.03
C VAL B 180 10.01 -5.47 11.89
N TYR B 181 10.35 -5.09 10.65
CA TYR B 181 10.13 -6.00 9.53
C TYR B 181 11.39 -6.85 9.43
N SER B 182 11.24 -8.13 9.21
CA SER B 182 12.39 -8.99 9.01
C SER B 182 12.08 -9.93 7.85
N PHE B 183 13.17 -10.42 7.24
CA PHE B 183 13.16 -11.34 6.14
C PHE B 183 14.20 -12.43 6.44
N GLU B 184 13.79 -13.69 6.37
CA GLU B 184 14.67 -14.82 6.58
C GLU B 184 14.15 -15.92 5.68
N PRO B 185 15.03 -16.78 5.14
CA PRO B 185 14.59 -17.81 4.21
C PRO B 185 14.00 -19.06 4.87
N THR B 186 13.23 -18.87 5.95
CA THR B 186 12.68 -19.97 6.74
C THR B 186 11.17 -19.73 6.87
N GLN B 187 10.46 -20.75 7.32
CA GLN B 187 9.00 -20.71 7.52
C GLN B 187 8.62 -19.71 8.66
N THR B 188 9.55 -19.46 9.60
CA THR B 188 9.28 -18.75 10.86
C THR B 188 10.45 -17.82 11.27
N PRO B 189 10.15 -16.68 11.93
CA PRO B 189 11.22 -15.82 12.45
C PRO B 189 12.13 -16.59 13.41
N GLY B 190 13.44 -16.44 13.21
CA GLY B 190 14.46 -17.09 14.04
C GLY B 190 15.24 -16.09 14.87
N ARG B 191 16.41 -16.50 15.34
CA ARG B 191 17.17 -15.63 16.23
C ARG B 191 17.46 -14.27 15.63
N PHE B 192 17.64 -14.20 14.31
CA PHE B 192 17.93 -12.92 13.67
C PHE B 192 16.82 -11.92 14.01
N SER B 193 15.57 -12.31 13.68
CA SER B 193 14.40 -11.40 13.82
C SER B 193 14.12 -11.09 15.29
N LEU B 194 14.24 -12.12 16.10
CA LEU B 194 13.86 -12.07 17.50
C LEU B 194 14.87 -11.29 18.31
N GLY B 195 16.13 -11.36 17.92
CA GLY B 195 17.16 -10.52 18.57
C GLY B 195 17.07 -9.02 18.32
N LEU B 196 16.76 -8.64 17.07
CA LEU B 196 16.48 -7.28 16.74
C LEU B 196 15.22 -6.76 17.48
N ARG B 197 14.20 -7.59 17.52
CA ARG B 197 12.97 -7.23 18.25
C ARG B 197 13.29 -6.89 19.73
N ASP B 198 14.03 -7.75 20.38
CA ASP B 198 14.49 -7.53 21.76
C ASP B 198 15.40 -6.29 21.94
N ALA B 199 16.27 -5.99 20.97
CA ALA B 199 17.12 -4.79 21.03
C ALA B 199 16.30 -3.49 21.06
N LEU B 200 15.24 -3.47 20.27
CA LEU B 200 14.33 -2.31 20.18
C LEU B 200 13.40 -2.29 21.39
N GLY B 201 12.87 -3.44 21.75
CA GLY B 201 11.92 -3.56 22.88
C GLY B 201 12.48 -3.29 24.28
N GLN B 202 13.81 -3.25 24.41
CA GLN B 202 14.40 -2.74 25.65
C GLN B 202 14.21 -1.24 25.86
N TYR B 203 13.96 -0.52 24.78
CA TYR B 203 13.71 0.94 24.88
C TYR B 203 12.23 1.33 24.88
N PHE B 204 11.42 0.57 24.14
CA PHE B 204 9.99 0.93 23.91
C PHE B 204 9.13 -0.30 23.94
N LYS B 205 7.86 -0.09 24.30
CA LYS B 205 6.91 -1.16 24.28
C LYS B 205 6.77 -1.70 22.84
N LEU B 206 6.64 -3.03 22.70
CA LEU B 206 6.46 -3.65 21.36
C LEU B 206 5.05 -3.44 20.87
N ALA B 207 4.91 -3.22 19.58
CA ALA B 207 3.60 -3.12 18.95
C ALA B 207 3.02 -4.53 18.82
N LYS B 208 1.79 -4.72 19.28
CA LYS B 208 1.23 -6.08 19.39
C LYS B 208 -0.19 -6.30 18.83
N ASP B 209 -0.85 -5.26 18.33
CA ASP B 209 -2.22 -5.42 17.82
C ASP B 209 -2.60 -4.45 16.68
N GLY B 210 -1.63 -4.11 15.87
CA GLY B 210 -1.82 -3.18 14.77
C GLY B 210 -1.44 -3.83 13.46
N PHE B 211 -1.74 -3.13 12.38
CA PHE B 211 -1.52 -3.65 11.03
C PHE B 211 -0.73 -2.71 10.14
N ILE B 212 0.11 -3.27 9.29
CA ILE B 212 0.75 -2.50 8.21
C ILE B 212 0.21 -3.01 6.88
N ASP B 213 -0.33 -2.12 6.05
CA ASP B 213 -0.83 -2.48 4.71
C ASP B 213 -1.57 -3.82 4.78
N GLU B 214 -2.50 -3.89 5.74
CA GLU B 214 -3.26 -5.08 6.11
C GLU B 214 -2.52 -6.32 6.68
N CYS B 215 -1.23 -6.29 6.97
CA CYS B 215 -0.59 -7.44 7.71
C CYS B 215 -0.40 -7.19 9.22
N PRO B 216 -0.69 -8.20 10.07
CA PRO B 216 -0.54 -7.94 11.51
C PRO B 216 0.93 -7.88 11.98
N VAL B 217 1.18 -7.07 13.00
CA VAL B 217 2.45 -7.16 13.69
C VAL B 217 2.18 -8.25 14.70
N THR B 218 3.06 -9.24 14.73
CA THR B 218 2.93 -10.37 15.64
C THR B 218 4.14 -10.30 16.57
N ASP B 219 3.87 -9.89 17.80
CA ASP B 219 4.91 -9.80 18.83
C ASP B 219 6.01 -8.82 18.42
N GLY B 220 5.63 -7.72 17.81
CA GLY B 220 6.60 -6.76 17.35
C GLY B 220 7.29 -7.10 16.04
N VAL B 221 6.94 -8.22 15.38
CA VAL B 221 7.63 -8.61 14.14
C VAL B 221 6.63 -8.70 12.99
N ILE B 222 7.02 -8.11 11.85
CA ILE B 222 6.34 -8.30 10.57
C ILE B 222 7.25 -9.16 9.70
N PHE B 223 6.79 -10.36 9.33
CA PHE B 223 7.69 -11.37 8.70
C PHE B 223 7.51 -11.60 7.19
N ASN B 224 8.58 -11.39 6.45
CA ASN B 224 8.59 -11.71 5.03
C ASN B 224 7.45 -11.01 4.26
N HIS B 225 7.22 -9.74 4.59
CA HIS B 225 6.27 -8.86 3.88
C HIS B 225 6.99 -8.17 2.72
N PHE B 226 6.77 -8.66 1.53
CA PHE B 226 7.38 -8.08 0.35
C PHE B 226 6.63 -6.98 -0.36
N ASP B 227 7.39 -6.02 -0.84
CA ASP B 227 6.85 -4.86 -1.49
C ASP B 227 7.99 -4.33 -2.34
N THR B 228 7.89 -3.06 -2.76
CA THR B 228 8.90 -2.43 -3.62
C THR B 228 9.93 -1.59 -2.87
N SER B 229 10.17 -1.92 -1.60
CA SER B 229 11.13 -1.21 -0.78
C SER B 229 12.58 -1.58 -1.15
N PHE B 230 13.53 -0.78 -0.69
CA PHE B 230 14.91 -1.03 -0.91
C PHE B 230 15.34 -2.40 -0.35
N GLU B 231 14.95 -2.62 0.89
CA GLU B 231 15.23 -3.87 1.57
C GLU B 231 14.64 -5.13 0.87
N ALA B 232 13.36 -5.13 0.47
CA ALA B 232 12.81 -6.29 -0.24
C ALA B 232 13.53 -6.55 -1.56
N PHE B 233 13.86 -5.49 -2.30
CA PHE B 233 14.73 -5.51 -3.51
C PHE B 233 16.07 -6.22 -3.23
N LEU B 234 16.73 -5.85 -2.13
CA LEU B 234 17.98 -6.50 -1.78
C LEU B 234 17.80 -7.99 -1.40
N VAL B 235 16.69 -8.34 -0.75
CA VAL B 235 16.40 -9.74 -0.48
C VAL B 235 16.05 -10.51 -1.75
N ARG B 236 15.27 -9.89 -2.62
CA ARG B 236 14.97 -10.46 -3.94
C ARG B 236 16.24 -10.66 -4.77
N SER B 237 17.25 -9.83 -4.50
CA SER B 237 18.54 -9.90 -5.18
C SER B 237 19.57 -10.84 -4.51
N GLY B 238 19.18 -11.50 -3.40
CA GLY B 238 20.01 -12.51 -2.72
C GLY B 238 20.55 -12.21 -1.32
N ALA B 239 20.30 -11.03 -0.74
CA ALA B 239 20.69 -10.78 0.65
C ALA B 239 20.16 -11.90 1.54
N LYS B 240 21.00 -12.46 2.42
CA LYS B 240 20.62 -13.63 3.21
C LYS B 240 19.61 -13.38 4.32
N LEU B 241 19.66 -12.19 4.86
CA LEU B 241 18.82 -11.75 5.98
C LEU B 241 18.64 -10.22 5.79
N ALA B 242 17.48 -9.74 6.21
CA ALA B 242 17.19 -8.36 6.16
C ALA B 242 16.23 -7.97 7.24
N ALA B 243 16.39 -6.73 7.71
CA ALA B 243 15.48 -6.15 8.69
C ALA B 243 15.28 -4.68 8.39
N CYS B 244 14.08 -4.19 8.72
CA CYS B 244 13.84 -2.80 8.76
C CYS B 244 13.32 -2.46 10.15
N SER B 245 14.07 -1.71 10.92
CA SER B 245 13.62 -1.37 12.27
C SER B 245 12.68 -0.17 12.24
N GLU B 246 11.66 -0.14 13.10
CA GLU B 246 10.78 1.02 13.20
C GLU B 246 10.71 1.55 14.64
N THR B 247 11.48 2.59 14.94
CA THR B 247 11.39 3.29 16.23
C THR B 247 10.21 4.32 16.20
N PRO B 248 9.48 4.43 17.33
CA PRO B 248 8.31 5.27 17.45
C PRO B 248 8.65 6.76 17.47
N GLY B 249 8.10 7.58 16.58
CA GLY B 249 8.43 9.01 16.52
C GLY B 249 7.86 9.94 17.56
N GLN B 250 6.89 9.44 18.33
CA GLN B 250 6.30 10.19 19.43
C GLN B 250 7.06 10.05 20.75
N GLU B 251 8.17 9.35 20.73
CA GLU B 251 8.97 9.17 21.92
C GLU B 251 10.15 10.09 21.88
N ASP B 252 10.87 10.12 22.98
CA ASP B 252 12.06 10.94 23.12
C ASP B 252 13.10 10.65 22.01
N PHE B 253 13.50 11.71 21.33
CA PHE B 253 14.46 11.63 20.25
C PHE B 253 15.78 10.98 20.60
N ASP B 254 16.37 11.35 21.73
CA ASP B 254 17.64 10.75 22.09
C ASP B 254 17.50 9.25 22.43
N ARG B 255 16.36 8.85 22.99
CA ARG B 255 16.06 7.42 23.21
C ARG B 255 15.87 6.67 21.87
N ARG B 256 15.22 7.30 20.91
CA ARG B 256 15.14 6.74 19.55
C ARG B 256 16.52 6.58 18.91
N VAL B 257 17.40 7.55 19.09
CA VAL B 257 18.83 7.48 18.58
C VAL B 257 19.49 6.22 19.21
N GLN B 258 19.35 6.12 20.50
CA GLN B 258 19.94 5.01 21.27
C GLN B 258 19.37 3.67 20.80
N ALA B 259 18.05 3.56 20.64
CA ALA B 259 17.43 2.32 20.12
C ALA B 259 17.91 1.92 18.69
N ASN B 260 18.11 2.91 17.81
CA ASN B 260 18.58 2.66 16.46
C ASN B 260 20.01 2.17 16.58
N SER B 261 20.77 2.79 17.43
CA SER B 261 22.17 2.41 17.58
C SER B 261 22.30 0.96 18.10
N ALA B 262 21.44 0.62 19.08
CA ALA B 262 21.37 -0.72 19.69
C ALA B 262 21.01 -1.80 18.66
N ALA B 263 20.04 -1.49 17.79
CA ALA B 263 19.63 -2.37 16.69
C ALA B 263 20.82 -2.64 15.76
N MSE B 264 21.53 -1.60 15.44
CA MSE B 264 22.75 -1.76 14.58
C MSE B 264 23.78 -2.65 15.25
O MSE B 264 24.34 -3.54 14.63
CB MSE B 264 23.32 -0.44 14.19
CG MSE B 264 22.49 0.33 13.15
SE MSE B 264 23.01 2.19 13.09
CE MSE B 264 21.34 3.03 12.45
N GLY B 265 24.04 -2.41 16.54
CA GLY B 265 24.90 -3.30 17.29
C GLY B 265 24.45 -4.73 17.31
N GLN B 266 23.16 -4.98 17.50
CA GLN B 266 22.67 -6.35 17.55
C GLN B 266 22.84 -7.02 16.17
N PHE B 267 22.64 -6.24 15.12
CA PHE B 267 22.74 -6.72 13.75
C PHE B 267 24.15 -7.19 13.51
N ILE B 268 25.14 -6.36 13.88
CA ILE B 268 26.52 -6.77 13.77
C ILE B 268 26.86 -7.99 14.65
N ALA B 269 26.30 -8.03 15.86
CA ALA B 269 26.55 -9.13 16.78
C ALA B 269 26.06 -10.44 16.21
N HIS B 270 24.90 -10.45 15.53
CA HIS B 270 24.34 -11.66 14.97
C HIS B 270 25.03 -12.05 13.68
N CYS B 271 25.19 -11.11 12.79
CA CYS B 271 25.65 -11.38 11.43
C CYS B 271 27.17 -11.39 11.24
N ALA B 272 27.95 -10.83 12.18
CA ALA B 272 29.42 -10.78 12.13
C ALA B 272 29.99 -11.07 13.52
N PRO B 273 29.72 -12.26 14.05
CA PRO B 273 30.19 -12.59 15.39
C PRO B 273 31.72 -12.76 15.36
N ILE B 274 32.38 -12.55 16.51
CA ILE B 274 33.84 -12.78 16.64
C ILE B 274 34.10 -14.26 16.88
NI NI C . -13.07 -1.78 -1.23
NI NI D . 10.31 5.02 6.83
#